data_7NXX
#
_entry.id   7NXX
#
_cell.length_a   115.830
_cell.length_b   115.830
_cell.length_c   83.790
_cell.angle_alpha   90.000
_cell.angle_beta   90.000
_cell.angle_gamma   90.000
#
_symmetry.space_group_name_H-M   'P 43 21 2'
#
loop_
_entity.id
_entity.type
_entity.pdbx_description
1 polymer 'Superoxide dismutase [Cu-Zn]'
2 polymer 'nanobody 2'
3 non-polymer 'COPPER (II) ION'
4 non-polymer 'ZINC ION'
#
loop_
_entity_poly.entity_id
_entity_poly.type
_entity_poly.pdbx_seq_one_letter_code
_entity_poly.pdbx_strand_id
1 'polypeptide(L)'
;ATKAVCVLKGDGPVQGIINFEQKESNGPVKVWGSIKGLTEGLHGFHVHEFGDNTAGCTSAGPHFNPLSRKHGGPKDEERH
VGDLGNVTADKDGVADVSIEDSVISLSGDHCIIGRTLVVHEKADDLGKGGNEESTKTGNAGSRLACGVIGIAQ
;
A
2 'polypeptide(L)'
;MAQVQLQESGGGSVQAGGSLRLACVASGGDTRPYITYWMGWYRQAPGKEREGVATIYTGGSGTYYSDSVEGRFTISQDKA
QRTVYLQMNDLKPEDTAMYYCAAGNGALPPGRRLSPQNMDTWGPGTQVTVSSHHHH
;
B
#
loop_
_chem_comp.id
_chem_comp.type
_chem_comp.name
_chem_comp.formula
CU non-polymer 'COPPER (II) ION' 'Cu 2'
ZN non-polymer 'ZINC ION' 'Zn 2'
#
# COMPACT_ATOMS: atom_id res chain seq x y z
N ALA A 1 29.99 1.17 -12.57
CA ALA A 1 28.85 0.37 -13.03
C ALA A 1 27.79 1.24 -13.71
N THR A 2 27.00 0.63 -14.58
CA THR A 2 25.94 1.34 -15.29
C THR A 2 24.53 0.87 -14.94
N LYS A 3 24.39 -0.21 -14.15
CA LYS A 3 23.10 -0.78 -13.76
C LYS A 3 23.08 -1.07 -12.27
N ALA A 4 22.03 -0.63 -11.56
CA ALA A 4 21.85 -0.91 -10.14
C ALA A 4 20.39 -1.23 -9.81
N VAL A 5 20.20 -1.83 -8.64
CA VAL A 5 18.90 -2.36 -8.23
C VAL A 5 18.79 -2.36 -6.71
N CYS A 6 17.55 -2.37 -6.24
CA CYS A 6 17.31 -2.12 -4.82
C CYS A 6 16.02 -2.83 -4.41
N VAL A 7 16.07 -3.59 -3.33
CA VAL A 7 14.88 -4.20 -2.73
C VAL A 7 14.52 -3.41 -1.49
N LEU A 8 13.33 -2.82 -1.48
CA LEU A 8 12.85 -2.02 -0.36
C LEU A 8 11.93 -2.87 0.51
N LYS A 9 12.29 -3.02 1.79
CA LYS A 9 11.45 -3.66 2.78
C LYS A 9 11.46 -2.82 4.06
N GLY A 10 10.45 -3.02 4.90
CA GLY A 10 10.32 -2.28 6.14
C GLY A 10 9.38 -2.94 7.14
N ASP A 11 8.95 -2.16 8.14
CA ASP A 11 8.10 -2.68 9.21
C ASP A 11 6.73 -3.11 8.68
N GLY A 12 6.04 -2.21 8.00
CA GLY A 12 4.71 -2.48 7.54
C GLY A 12 4.69 -3.27 6.25
N PRO A 13 3.61 -3.10 5.49
CA PRO A 13 3.44 -3.90 4.26
C PRO A 13 4.18 -3.34 3.06
N VAL A 14 4.87 -2.21 3.19
CA VAL A 14 5.40 -1.56 2.00
C VAL A 14 6.61 -2.33 1.52
N GLN A 15 6.64 -2.63 0.22
CA GLN A 15 7.76 -3.31 -0.39
C GLN A 15 7.81 -2.95 -1.87
N GLY A 16 8.98 -3.14 -2.47
CA GLY A 16 9.10 -2.96 -3.91
C GLY A 16 10.51 -3.21 -4.38
N ILE A 17 10.69 -3.00 -5.69
CA ILE A 17 11.97 -3.15 -6.38
C ILE A 17 12.18 -1.93 -7.27
N ILE A 18 13.37 -1.32 -7.20
CA ILE A 18 13.70 -0.17 -8.03
C ILE A 18 14.97 -0.49 -8.82
N ASN A 19 14.96 -0.18 -10.12
CA ASN A 19 16.14 -0.33 -10.98
C ASN A 19 16.73 1.04 -11.31
N PHE A 20 18.04 1.03 -11.56
CA PHE A 20 18.80 2.22 -11.95
C PHE A 20 19.59 1.93 -13.22
N GLU A 21 19.71 2.95 -14.08
CA GLU A 21 20.55 2.90 -15.26
C GLU A 21 21.05 4.30 -15.60
N GLN A 22 22.37 4.44 -15.72
CA GLN A 22 22.97 5.52 -16.50
C GLN A 22 23.86 4.84 -17.53
N LYS A 23 23.44 4.90 -18.80
CA LYS A 23 24.13 4.19 -19.85
C LYS A 23 25.39 4.89 -20.33
N GLU A 24 25.74 6.04 -19.75
CA GLU A 24 27.03 6.65 -20.03
C GLU A 24 27.44 7.52 -18.85
N SER A 25 28.74 7.48 -18.53
CA SER A 25 29.32 8.16 -17.38
C SER A 25 28.83 9.59 -17.24
N ASN A 26 28.55 9.98 -15.99
CA ASN A 26 28.09 11.33 -15.63
C ASN A 26 26.86 11.78 -16.41
N GLY A 27 26.11 10.82 -16.95
CA GLY A 27 24.87 11.12 -17.62
C GLY A 27 23.67 10.99 -16.70
N PRO A 28 22.48 11.03 -17.29
CA PRO A 28 21.25 10.95 -16.48
C PRO A 28 20.98 9.53 -16.01
N VAL A 29 20.42 9.45 -14.80
CA VAL A 29 20.05 8.19 -14.18
C VAL A 29 18.56 7.96 -14.41
N LYS A 30 18.21 6.80 -14.98
CA LYS A 30 16.83 6.37 -15.13
C LYS A 30 16.49 5.43 -13.98
N VAL A 31 15.50 5.81 -13.17
CA VAL A 31 15.07 5.03 -12.01
C VAL A 31 13.65 4.53 -12.30
N TRP A 32 13.43 3.22 -12.15
CA TRP A 32 12.16 2.63 -12.52
C TRP A 32 11.94 1.33 -11.77
N GLY A 33 10.68 1.05 -11.46
CA GLY A 33 10.30 -0.05 -10.62
C GLY A 33 8.88 0.20 -10.12
N SER A 34 8.48 -0.54 -9.09
CA SER A 34 7.19 -0.26 -8.48
C SER A 34 7.18 -0.68 -7.02
N ILE A 35 6.42 0.05 -6.22
CA ILE A 35 6.32 -0.12 -4.77
C ILE A 35 4.85 -0.33 -4.43
N LYS A 36 4.56 -1.37 -3.63
CA LYS A 36 3.20 -1.73 -3.25
C LYS A 36 2.97 -1.46 -1.76
N GLY A 37 1.69 -1.44 -1.37
CA GLY A 37 1.36 -1.36 0.04
C GLY A 37 1.37 0.03 0.62
N LEU A 38 1.51 1.05 -0.22
CA LEU A 38 1.49 2.44 0.21
C LEU A 38 0.07 2.95 0.30
N THR A 39 -0.09 4.01 1.08
CA THR A 39 -1.35 4.75 1.09
C THR A 39 -1.45 5.57 -0.19
N GLU A 40 -2.63 5.57 -0.80
CA GLU A 40 -2.85 6.32 -2.03
C GLU A 40 -2.42 7.76 -1.86
N GLY A 41 -1.67 8.28 -2.84
CA GLY A 41 -1.13 9.63 -2.76
C GLY A 41 0.38 9.72 -2.85
N LEU A 42 0.95 10.86 -2.42
CA LEU A 42 2.38 11.15 -2.61
C LEU A 42 3.23 10.68 -1.43
N HIS A 43 4.44 10.22 -1.75
CA HIS A 43 5.37 9.73 -0.72
C HIS A 43 6.80 10.15 -1.04
N GLY A 44 7.49 10.69 -0.04
CA GLY A 44 8.87 11.13 -0.25
C GLY A 44 9.78 9.99 -0.64
N PHE A 45 10.84 10.34 -1.36
CA PHE A 45 11.63 9.37 -2.12
C PHE A 45 13.04 9.93 -2.25
N HIS A 46 13.96 9.47 -1.40
CA HIS A 46 15.32 9.98 -1.46
C HIS A 46 16.33 8.86 -1.27
N VAL A 47 17.58 9.17 -1.62
CA VAL A 47 18.74 8.32 -1.33
C VAL A 47 19.41 8.86 -0.08
N HIS A 48 19.47 8.03 0.98
CA HIS A 48 20.14 8.40 2.22
C HIS A 48 21.60 7.91 2.20
N GLU A 49 22.39 8.41 3.16
CA GLU A 49 23.84 8.41 3.01
C GLU A 49 24.45 7.02 3.18
N PHE A 50 23.94 6.23 4.12
CA PHE A 50 24.59 4.96 4.45
C PHE A 50 23.73 3.77 4.03
N GLY A 51 24.38 2.79 3.43
CA GLY A 51 23.76 1.51 3.15
C GLY A 51 23.97 0.55 4.29
N ASP A 52 23.60 0.99 5.48
CA ASP A 52 23.62 0.16 6.68
C ASP A 52 22.18 -0.01 7.10
N ASN A 53 21.62 -1.21 6.92
CA ASN A 53 20.27 -1.49 7.37
C ASN A 53 20.25 -2.44 8.55
N THR A 54 21.29 -2.39 9.39
CA THR A 54 21.33 -3.28 10.55
C THR A 54 20.22 -2.95 11.54
N ALA A 55 20.01 -1.65 11.81
CA ALA A 55 18.91 -1.16 12.63
C ALA A 55 17.72 -0.71 11.78
N GLY A 56 17.43 -1.42 10.69
CA GLY A 56 16.34 -1.02 9.83
C GLY A 56 16.71 0.21 9.03
N CYS A 57 15.70 1.00 8.68
CA CYS A 57 15.96 2.21 7.93
C CYS A 57 16.58 3.31 8.78
N THR A 58 16.60 3.13 10.10
CA THR A 58 17.07 4.19 10.99
C THR A 58 18.57 4.42 10.84
N SER A 59 19.33 3.35 10.67
CA SER A 59 20.79 3.40 10.55
C SER A 59 21.25 3.87 9.17
N ALA A 60 20.36 4.27 8.28
CA ALA A 60 20.77 4.77 6.97
C ALA A 60 21.27 6.20 7.02
N GLY A 61 21.07 6.91 8.12
CA GLY A 61 21.48 8.28 8.24
C GLY A 61 20.60 9.22 7.44
N PRO A 62 21.08 10.45 7.22
CA PRO A 62 20.26 11.45 6.54
C PRO A 62 20.43 11.39 5.04
N HIS A 63 19.69 12.25 4.34
CA HIS A 63 19.79 12.42 2.90
C HIS A 63 21.24 12.51 2.43
N PHE A 64 21.55 11.82 1.33
CA PHE A 64 22.86 11.95 0.72
C PHE A 64 23.09 13.38 0.27
N ASN A 65 24.07 14.03 0.88
CA ASN A 65 24.23 15.46 0.72
C ASN A 65 25.72 15.76 0.72
N PRO A 66 26.47 15.51 -0.35
CA PRO A 66 27.89 15.86 -0.31
C PRO A 66 28.16 17.36 -0.48
N LEU A 67 27.24 18.10 -1.10
CA LEU A 67 27.41 19.54 -1.30
C LEU A 67 27.02 20.39 -0.11
N SER A 68 26.58 19.79 1.00
CA SER A 68 26.13 20.53 2.19
C SER A 68 25.08 21.60 1.84
N ARG A 69 24.06 21.20 1.12
CA ARG A 69 22.99 22.11 0.72
C ARG A 69 21.71 21.83 1.51
N LYS A 70 20.76 22.75 1.42
CA LYS A 70 19.46 22.58 2.03
C LYS A 70 18.61 21.59 1.22
N HIS A 71 17.48 21.20 1.81
CA HIS A 71 16.56 20.28 1.15
C HIS A 71 15.81 21.00 0.04
N GLY A 72 15.58 20.30 -1.07
CA GLY A 72 14.73 20.80 -2.14
C GLY A 72 14.13 19.65 -2.94
N GLY A 73 13.38 20.00 -3.98
CA GLY A 73 12.91 19.02 -4.93
C GLY A 73 13.96 18.69 -5.98
N PRO A 74 13.64 17.70 -6.82
CA PRO A 74 14.62 17.25 -7.82
C PRO A 74 14.92 18.27 -8.89
N LYS A 75 13.91 19.05 -9.29
CA LYS A 75 14.11 20.10 -10.30
C LYS A 75 14.85 21.30 -9.72
N ASP A 76 14.75 21.53 -8.41
CA ASP A 76 15.35 22.69 -7.76
C ASP A 76 16.88 22.68 -7.89
N GLU A 77 17.44 23.89 -7.80
CA GLU A 77 18.88 24.04 -7.80
C GLU A 77 19.45 23.92 -6.38
N GLU A 78 18.69 24.36 -5.38
CA GLU A 78 19.04 24.14 -3.97
C GLU A 78 18.39 22.84 -3.53
N ARG A 79 19.22 21.83 -3.25
CA ARG A 79 18.81 20.44 -3.30
C ARG A 79 19.87 19.61 -2.59
N HIS A 80 19.46 18.46 -2.07
CA HIS A 80 20.40 17.40 -1.75
C HIS A 80 20.58 16.51 -2.98
N VAL A 81 21.79 15.98 -3.15
CA VAL A 81 22.04 15.07 -4.26
C VAL A 81 21.01 13.94 -4.26
N GLY A 82 20.56 13.55 -3.08
CA GLY A 82 19.63 12.45 -2.93
C GLY A 82 18.18 12.82 -2.98
N ASP A 83 17.85 14.08 -3.23
CA ASP A 83 16.44 14.48 -3.28
C ASP A 83 15.83 14.02 -4.61
N LEU A 84 14.94 13.02 -4.56
CA LEU A 84 14.23 12.54 -5.73
C LEU A 84 12.73 12.84 -5.66
N GLY A 85 12.33 13.70 -4.74
CA GLY A 85 10.96 14.20 -4.73
C GLY A 85 9.99 13.16 -4.23
N ASN A 86 8.90 12.98 -4.99
CA ASN A 86 7.81 12.14 -4.56
C ASN A 86 7.51 11.07 -5.60
N VAL A 87 6.96 9.98 -5.12
CA VAL A 87 6.30 8.98 -5.93
C VAL A 87 4.83 8.99 -5.53
N THR A 88 3.95 8.68 -6.50
CA THR A 88 2.50 8.77 -6.31
C THR A 88 1.89 7.39 -6.37
N ALA A 89 1.20 6.99 -5.30
CA ALA A 89 0.60 5.67 -5.20
C ALA A 89 -0.86 5.72 -5.67
N ASP A 90 -1.25 4.74 -6.49
CA ASP A 90 -2.60 4.74 -7.04
C ASP A 90 -3.62 4.26 -6.00
N LYS A 91 -4.86 4.04 -6.44
CA LYS A 91 -5.93 3.73 -5.50
C LYS A 91 -5.82 2.33 -4.93
N ASP A 92 -4.91 1.50 -5.45
CA ASP A 92 -4.58 0.17 -4.93
C ASP A 92 -3.31 0.19 -4.09
N GLY A 93 -2.70 1.34 -3.88
CA GLY A 93 -1.49 1.40 -3.09
C GLY A 93 -0.23 1.08 -3.84
N VAL A 94 -0.30 1.02 -5.17
CA VAL A 94 0.85 0.74 -6.01
C VAL A 94 1.34 2.03 -6.64
N ALA A 95 2.64 2.28 -6.56
CA ALA A 95 3.25 3.44 -7.21
C ALA A 95 4.25 2.91 -8.23
N ASP A 96 3.93 3.08 -9.50
CA ASP A 96 4.87 2.76 -10.57
C ASP A 96 5.76 3.96 -10.81
N VAL A 97 7.06 3.77 -10.64
CA VAL A 97 8.03 4.84 -10.74
C VAL A 97 8.74 4.72 -12.07
N SER A 98 8.83 5.85 -12.77
CA SER A 98 9.68 5.97 -13.95
C SER A 98 10.12 7.41 -14.00
N ILE A 99 11.38 7.66 -13.63
CA ILE A 99 11.91 8.98 -13.35
C ILE A 99 13.30 9.09 -13.95
N GLU A 100 13.67 10.31 -14.37
CA GLU A 100 15.03 10.63 -14.79
C GLU A 100 15.65 11.68 -13.86
N ASP A 101 16.88 11.45 -13.44
CA ASP A 101 17.63 12.42 -12.65
C ASP A 101 19.07 12.42 -13.14
N SER A 102 19.69 13.61 -13.14
CA SER A 102 21.05 13.73 -13.63
C SER A 102 22.06 14.14 -12.55
N VAL A 103 21.59 14.42 -11.33
CA VAL A 103 22.51 14.74 -10.25
C VAL A 103 22.97 13.50 -9.49
N ILE A 104 22.12 12.49 -9.35
CA ILE A 104 22.62 11.22 -8.86
C ILE A 104 23.47 10.55 -9.95
N SER A 105 24.28 9.58 -9.55
CA SER A 105 25.15 8.88 -10.49
C SER A 105 25.50 7.50 -9.94
N LEU A 106 25.96 6.64 -10.85
CA LEU A 106 26.41 5.28 -10.53
C LEU A 106 27.94 5.18 -10.51
N SER A 107 28.64 6.32 -10.53
CA SER A 107 30.09 6.38 -10.39
C SER A 107 30.46 7.79 -9.95
N GLY A 108 31.70 7.95 -9.53
CA GLY A 108 32.16 9.28 -9.20
C GLY A 108 31.73 9.69 -7.81
N ASP A 109 31.87 11.01 -7.56
CA ASP A 109 31.75 11.53 -6.20
C ASP A 109 30.34 11.41 -5.65
N HIS A 110 29.34 11.50 -6.53
CA HIS A 110 27.94 11.40 -6.16
C HIS A 110 27.35 10.03 -6.51
N CYS A 111 28.20 9.02 -6.62
CA CYS A 111 27.77 7.64 -6.73
C CYS A 111 26.82 7.28 -5.60
N ILE A 112 25.71 6.63 -5.93
CA ILE A 112 24.73 6.21 -4.93
C ILE A 112 24.79 4.71 -4.66
N ILE A 113 25.72 3.99 -5.27
CA ILE A 113 25.81 2.55 -5.04
C ILE A 113 26.32 2.31 -3.63
N GLY A 114 25.70 1.36 -2.95
CA GLY A 114 26.04 1.10 -1.56
C GLY A 114 25.37 2.02 -0.57
N ARG A 115 24.46 2.86 -1.01
CA ARG A 115 23.68 3.69 -0.11
C ARG A 115 22.25 3.18 -0.09
N THR A 116 21.40 3.86 0.67
CA THR A 116 20.06 3.36 0.97
C THR A 116 19.01 4.22 0.29
N LEU A 117 18.09 3.57 -0.43
CA LEU A 117 16.93 4.25 -0.98
C LEU A 117 15.77 4.08 -0.01
N VAL A 118 14.97 5.13 0.16
CA VAL A 118 13.94 5.16 1.20
C VAL A 118 12.64 5.74 0.66
N VAL A 119 11.50 5.07 0.93
CA VAL A 119 10.15 5.59 0.69
C VAL A 119 9.57 6.08 2.01
N HIS A 120 8.82 7.18 1.96
CA HIS A 120 8.41 7.87 3.17
C HIS A 120 6.90 7.82 3.38
N GLU A 121 6.53 8.00 4.66
CA GLU A 121 5.14 7.96 5.08
C GLU A 121 4.31 9.07 4.45
N LYS A 122 4.86 10.28 4.38
CA LYS A 122 4.14 11.48 3.97
C LYS A 122 4.76 12.06 2.72
N ALA A 123 4.07 13.05 2.14
CA ALA A 123 4.61 13.73 0.98
C ALA A 123 5.79 14.62 1.36
N ASP A 124 6.78 14.66 0.49
CA ASP A 124 7.89 15.60 0.61
C ASP A 124 7.40 16.98 0.17
N ASP A 125 7.62 18.01 0.98
CA ASP A 125 7.24 19.34 0.54
C ASP A 125 8.35 20.03 -0.27
N LEU A 126 9.43 19.30 -0.55
CA LEU A 126 10.52 19.76 -1.42
C LEU A 126 11.20 21.02 -0.90
N GLY A 127 11.19 21.22 0.43
CA GLY A 127 11.88 22.32 1.07
C GLY A 127 11.10 23.61 1.22
N LYS A 128 9.85 23.65 0.76
CA LYS A 128 9.06 24.88 0.76
C LYS A 128 8.03 24.92 1.89
N GLY A 129 8.28 24.19 2.97
CA GLY A 129 7.29 24.12 4.04
C GLY A 129 7.17 25.41 4.83
N GLY A 130 8.27 26.16 4.93
CA GLY A 130 8.29 27.36 5.74
C GLY A 130 8.82 27.17 7.13
N ASN A 131 9.18 25.95 7.52
CA ASN A 131 9.84 25.69 8.79
C ASN A 131 11.23 25.12 8.54
N GLU A 132 11.92 24.82 9.65
CA GLU A 132 13.32 24.38 9.58
C GLU A 132 13.42 22.93 9.14
N GLU A 133 12.51 22.07 9.61
CA GLU A 133 12.55 20.67 9.22
C GLU A 133 12.33 20.51 7.73
N SER A 134 11.52 21.38 7.13
CA SER A 134 11.31 21.34 5.69
C SER A 134 12.61 21.52 4.91
N THR A 135 13.56 22.25 5.48
CA THR A 135 14.86 22.42 4.84
C THR A 135 15.80 21.26 5.13
N LYS A 136 15.38 20.33 5.99
CA LYS A 136 16.11 19.11 6.27
C LYS A 136 15.52 17.89 5.57
N THR A 137 14.20 17.67 5.73
CA THR A 137 13.55 16.42 5.36
C THR A 137 12.39 16.58 4.40
N GLY A 138 11.96 17.81 4.12
CA GLY A 138 10.72 17.99 3.40
C GLY A 138 9.49 17.61 4.20
N ASN A 139 9.65 17.49 5.52
CA ASN A 139 8.59 17.01 6.41
C ASN A 139 7.97 15.71 5.88
N ALA A 140 8.80 14.85 5.28
CA ALA A 140 8.30 13.65 4.63
C ALA A 140 7.90 12.56 5.62
N GLY A 141 8.31 12.65 6.87
CA GLY A 141 7.84 11.70 7.87
C GLY A 141 8.67 10.43 7.93
N SER A 142 8.08 9.40 8.52
CA SER A 142 8.85 8.22 8.85
C SER A 142 9.14 7.40 7.60
N ARG A 143 10.14 6.51 7.74
CA ARG A 143 10.67 5.70 6.64
C ARG A 143 9.95 4.36 6.63
N LEU A 144 9.11 4.13 5.61
CA LEU A 144 8.29 2.92 5.57
C LEU A 144 9.07 1.72 5.04
N ALA A 145 9.97 1.95 4.08
CA ALA A 145 10.71 0.84 3.48
C ALA A 145 12.01 1.37 2.91
N CYS A 146 13.02 0.50 2.88
CA CYS A 146 14.32 0.92 2.40
C CYS A 146 15.13 -0.29 1.97
N GLY A 147 16.19 -0.01 1.21
CA GLY A 147 17.12 -1.06 0.84
C GLY A 147 18.44 -0.47 0.40
N VAL A 148 19.46 -1.30 0.39
CA VAL A 148 20.79 -0.91 -0.06
C VAL A 148 20.82 -1.04 -1.57
N ILE A 149 21.49 -0.11 -2.24
CA ILE A 149 21.59 -0.10 -3.69
C ILE A 149 22.80 -0.93 -4.10
N GLY A 150 22.57 -2.01 -4.84
CA GLY A 150 23.68 -2.87 -5.25
C GLY A 150 23.99 -2.83 -6.73
N ILE A 151 25.18 -3.31 -7.13
CA ILE A 151 25.49 -3.48 -8.55
C ILE A 151 24.55 -4.53 -9.13
N ALA A 152 23.87 -4.18 -10.22
CA ALA A 152 22.88 -5.05 -10.84
C ALA A 152 23.40 -5.65 -12.14
N GLN A 153 22.86 -6.81 -12.49
CA GLN A 153 23.16 -7.47 -13.77
C GLN A 153 22.11 -7.14 -14.83
N MET B 1 -5.09 -2.85 21.35
CA MET B 1 -4.39 -3.22 20.13
C MET B 1 -3.49 -4.44 20.34
N ALA B 2 -4.12 -5.59 20.58
CA ALA B 2 -3.37 -6.83 20.68
C ALA B 2 -3.01 -7.33 19.28
N GLN B 3 -3.90 -8.13 18.69
CA GLN B 3 -3.84 -8.57 17.29
C GLN B 3 -5.12 -8.11 16.61
N VAL B 4 -5.11 -8.11 15.27
CA VAL B 4 -6.28 -7.62 14.55
C VAL B 4 -7.47 -8.54 14.79
N GLN B 5 -8.65 -7.95 15.01
CA GLN B 5 -9.88 -8.69 15.24
C GLN B 5 -11.04 -8.05 14.48
N LEU B 6 -11.82 -8.88 13.81
CA LEU B 6 -12.89 -8.44 12.93
C LEU B 6 -14.22 -8.92 13.46
N GLN B 7 -15.23 -8.06 13.37
CA GLN B 7 -16.57 -8.38 13.84
C GLN B 7 -17.56 -8.00 12.77
N GLU B 8 -18.30 -8.99 12.27
CA GLU B 8 -19.34 -8.72 11.30
C GLU B 8 -20.66 -8.46 12.02
N SER B 9 -21.56 -7.81 11.30
CA SER B 9 -22.89 -7.54 11.81
C SER B 9 -23.79 -7.28 10.61
N GLY B 10 -25.10 -7.41 10.85
CA GLY B 10 -26.07 -6.97 9.88
C GLY B 10 -26.69 -8.07 9.05
N GLY B 11 -26.30 -9.32 9.27
CA GLY B 11 -26.92 -10.41 8.55
C GLY B 11 -28.33 -10.67 9.05
N GLY B 12 -29.15 -11.21 8.17
CA GLY B 12 -30.50 -11.51 8.57
C GLY B 12 -31.22 -12.35 7.54
N SER B 13 -32.54 -12.14 7.43
CA SER B 13 -33.38 -12.86 6.49
C SER B 13 -34.14 -11.85 5.63
N VAL B 14 -34.14 -12.09 4.32
CA VAL B 14 -34.77 -11.19 3.35
C VAL B 14 -35.29 -12.02 2.20
N GLN B 15 -36.35 -11.53 1.56
CA GLN B 15 -36.89 -12.23 0.39
C GLN B 15 -36.11 -11.86 -0.86
N ALA B 16 -36.06 -12.80 -1.81
CA ALA B 16 -35.39 -12.57 -3.08
C ALA B 16 -35.77 -11.24 -3.70
N GLY B 17 -34.79 -10.57 -4.29
CA GLY B 17 -34.94 -9.23 -4.79
C GLY B 17 -34.66 -8.13 -3.77
N GLY B 18 -34.63 -8.47 -2.49
CA GLY B 18 -34.41 -7.51 -1.44
C GLY B 18 -32.96 -7.07 -1.32
N SER B 19 -32.72 -6.23 -0.31
CA SER B 19 -31.40 -5.67 -0.01
C SER B 19 -30.99 -6.01 1.40
N LEU B 20 -29.70 -5.76 1.67
CA LEU B 20 -29.06 -6.00 2.95
C LEU B 20 -27.75 -5.22 2.96
N ARG B 21 -27.38 -4.75 4.14
CA ARG B 21 -26.09 -4.12 4.33
C ARG B 21 -25.39 -4.84 5.47
N LEU B 22 -24.16 -5.28 5.23
CA LEU B 22 -23.33 -5.88 6.27
C LEU B 22 -22.20 -4.92 6.60
N ALA B 23 -21.74 -5.00 7.85
CA ALA B 23 -20.64 -4.17 8.31
C ALA B 23 -19.59 -5.04 8.98
N CYS B 24 -18.34 -4.66 8.80
CA CYS B 24 -17.23 -5.37 9.41
C CYS B 24 -16.35 -4.36 10.12
N VAL B 25 -16.28 -4.44 11.45
CA VAL B 25 -15.51 -3.52 12.27
C VAL B 25 -14.19 -4.17 12.63
N ALA B 26 -13.10 -3.45 12.42
CA ALA B 26 -11.76 -3.93 12.78
C ALA B 26 -11.28 -3.24 14.04
N SER B 27 -10.68 -4.02 14.95
CA SER B 27 -10.15 -3.47 16.19
C SER B 27 -8.79 -4.09 16.47
N GLY B 28 -7.97 -3.37 17.23
CA GLY B 28 -6.70 -3.93 17.61
C GLY B 28 -5.67 -3.95 16.50
N GLY B 29 -4.58 -4.67 16.78
CA GLY B 29 -3.47 -4.78 15.85
C GLY B 29 -2.59 -3.54 15.84
N ASP B 30 -1.60 -3.56 14.94
CA ASP B 30 -0.76 -2.39 14.74
C ASP B 30 -1.61 -1.24 14.21
N THR B 31 -1.73 -0.19 15.01
CA THR B 31 -2.63 0.90 14.68
C THR B 31 -1.93 2.09 14.03
N ARG B 32 -0.65 1.95 13.69
CA ARG B 32 0.01 2.99 12.91
C ARG B 32 -0.75 3.20 11.60
N PRO B 33 -0.88 4.44 11.13
CA PRO B 33 -1.84 4.71 10.03
C PRO B 33 -1.37 4.24 8.65
N TYR B 34 -0.10 3.90 8.47
CA TYR B 34 0.35 3.41 7.18
C TYR B 34 0.22 1.89 7.03
N ILE B 35 -0.36 1.20 8.01
CA ILE B 35 -0.61 -0.25 7.98
C ILE B 35 -1.87 -0.50 7.16
N THR B 36 -1.72 -0.94 5.91
CA THR B 36 -2.82 -1.09 4.97
C THR B 36 -3.24 -2.55 4.82
N TYR B 37 -4.52 -2.75 4.52
CA TYR B 37 -5.07 -4.09 4.33
C TYR B 37 -5.89 -4.14 3.05
N TRP B 38 -5.99 -5.33 2.48
CA TRP B 38 -7.07 -5.67 1.58
C TRP B 38 -8.14 -6.29 2.44
N MET B 39 -9.22 -5.55 2.66
CA MET B 39 -10.27 -5.95 3.58
C MET B 39 -11.40 -6.47 2.71
N GLY B 40 -11.78 -7.73 2.93
CA GLY B 40 -12.46 -7.20 2.79
C GLY B 40 -13.77 -9.16 2.59
N TRP B 41 -14.84 -9.29 1.80
CA TRP B 41 -16.03 -10.06 2.16
C TRP B 41 -16.03 -11.41 1.45
N TYR B 42 -16.26 -12.49 2.21
CA TYR B 42 -16.23 -13.86 1.72
C TYR B 42 -17.52 -14.57 2.11
N ARG B 43 -17.84 -15.64 1.36
CA ARG B 43 -19.03 -16.47 1.57
C ARG B 43 -18.64 -17.92 1.78
N GLN B 44 -19.47 -18.64 2.53
CA GLN B 44 -19.47 -20.10 2.50
C GLN B 44 -20.91 -20.58 2.54
N ALA B 45 -21.34 -21.15 1.41
CA ALA B 45 -22.65 -21.77 1.26
C ALA B 45 -22.60 -23.22 1.70
N PRO B 46 -23.74 -23.85 1.95
CA PRO B 46 -23.73 -25.27 2.36
C PRO B 46 -23.05 -26.13 1.30
N GLY B 47 -22.08 -26.92 1.76
CA GLY B 47 -21.40 -27.88 0.89
C GLY B 47 -20.46 -27.31 -0.15
N LYS B 48 -20.17 -26.01 -0.14
CA LYS B 48 -19.24 -25.46 -1.11
C LYS B 48 -18.08 -24.79 -0.40
N GLU B 49 -17.05 -24.52 -1.18
CA GLU B 49 -15.84 -23.91 -0.66
C GLU B 49 -16.08 -22.44 -0.33
N ARG B 50 -15.25 -21.91 0.57
CA ARG B 50 -15.30 -20.48 0.88
C ARG B 50 -14.83 -19.67 -0.32
N GLU B 51 -15.58 -18.64 -0.68
CA GLU B 51 -15.30 -17.86 -1.88
C GLU B 51 -15.34 -16.36 -1.59
N GLY B 52 -14.49 -15.61 -2.30
CA GLY B 52 -14.41 -14.17 -2.11
C GLY B 52 -15.51 -13.47 -2.89
N VAL B 53 -16.00 -12.37 -2.33
CA VAL B 53 -17.11 -11.63 -2.91
C VAL B 53 -16.68 -10.22 -3.34
N ALA B 54 -15.98 -9.52 -2.47
CA ALA B 54 -15.59 -8.15 -2.72
C ALA B 54 -14.40 -7.83 -1.82
N THR B 55 -13.56 -6.92 -2.27
CA THR B 55 -12.43 -6.51 -1.45
C THR B 55 -12.15 -5.04 -1.68
N ILE B 56 -11.54 -4.40 -0.69
CA ILE B 56 -11.29 -2.96 -0.79
C ILE B 56 -9.98 -2.66 -0.09
N TYR B 57 -9.24 -1.70 -0.63
CA TYR B 57 -7.92 -1.36 -0.10
C TYR B 57 -8.11 -0.27 0.94
N THR B 58 -7.82 -0.59 2.21
CA THR B 58 -8.01 0.36 3.30
C THR B 58 -7.05 1.54 3.23
N GLY B 59 -5.96 1.42 2.49
CA GLY B 59 -5.03 2.51 2.28
C GLY B 59 -5.33 3.37 1.06
N GLY B 60 -6.51 3.23 0.46
CA GLY B 60 -6.86 3.96 -0.75
C GLY B 60 -8.32 3.86 -1.12
N SER B 61 -8.61 3.36 -2.33
CA SER B 61 -10.00 3.27 -2.76
C SER B 61 -10.31 2.16 -3.74
N GLY B 62 -9.31 1.39 -4.20
CA GLY B 62 -9.59 0.36 -5.19
C GLY B 62 -10.50 -0.71 -4.62
N THR B 63 -11.41 -1.20 -5.46
CA THR B 63 -12.36 -2.25 -5.10
C THR B 63 -12.39 -3.29 -6.21
N TYR B 64 -12.67 -4.55 -5.83
CA TYR B 64 -12.75 -5.65 -6.78
C TYR B 64 -13.79 -6.63 -6.29
N TYR B 65 -14.53 -7.21 -7.24
CA TYR B 65 -15.69 -8.04 -6.97
C TYR B 65 -15.58 -9.37 -7.72
N SER B 66 -16.19 -10.41 -7.15
CA SER B 66 -16.35 -11.65 -7.89
C SER B 66 -17.35 -11.46 -9.02
N ASP B 67 -17.21 -12.30 -10.06
CA ASP B 67 -18.15 -12.25 -11.17
C ASP B 67 -19.59 -12.45 -10.71
N SER B 68 -19.80 -13.40 -9.79
CA SER B 68 -21.16 -13.74 -9.37
C SER B 68 -21.90 -12.58 -8.72
N VAL B 69 -21.19 -11.55 -8.25
CA VAL B 69 -21.81 -10.44 -7.53
C VAL B 69 -21.54 -9.09 -8.15
N GLU B 70 -20.77 -9.00 -9.24
CA GLU B 70 -20.54 -7.71 -9.87
C GLU B 70 -21.86 -7.08 -10.33
N GLY B 71 -22.02 -5.79 -10.09
CA GLY B 71 -23.24 -5.10 -10.42
C GLY B 71 -24.27 -5.05 -9.31
N ARG B 72 -24.33 -6.08 -8.46
CA ARG B 72 -25.32 -6.15 -7.38
C ARG B 72 -24.77 -5.79 -6.01
N PHE B 73 -23.52 -6.10 -5.71
CA PHE B 73 -22.95 -5.78 -4.41
C PHE B 73 -22.00 -4.61 -4.57
N THR B 74 -21.89 -3.80 -3.52
CA THR B 74 -20.90 -2.74 -3.49
C THR B 74 -20.21 -2.70 -2.13
N ILE B 75 -18.89 -2.51 -2.15
CA ILE B 75 -18.10 -2.49 -0.93
C ILE B 75 -17.54 -1.10 -0.73
N SER B 76 -17.58 -0.62 0.50
CA SER B 76 -17.13 0.72 0.85
C SER B 76 -16.57 0.69 2.26
N GLN B 77 -15.98 1.80 2.69
CA GLN B 77 -15.38 1.83 4.01
C GLN B 77 -15.50 3.23 4.61
N ASP B 78 -15.51 3.26 5.93
CA ASP B 78 -15.38 4.46 6.73
C ASP B 78 -14.06 4.30 7.47
N LYS B 79 -12.97 4.81 6.87
CA LYS B 79 -11.64 4.45 7.32
C LYS B 79 -11.43 4.90 8.77
N ALA B 80 -11.98 6.07 9.12
CA ALA B 80 -11.83 6.59 10.47
C ALA B 80 -12.40 5.64 11.52
N GLN B 81 -13.46 4.90 11.17
CA GLN B 81 -14.06 3.93 12.07
C GLN B 81 -13.66 2.48 11.78
N ARG B 82 -12.75 2.24 10.83
CA ARG B 82 -12.27 0.90 10.55
C ARG B 82 -13.43 -0.05 10.25
N THR B 83 -14.43 0.44 9.54
CA THR B 83 -15.59 -0.35 9.19
C THR B 83 -15.70 -0.45 7.67
N VAL B 84 -15.92 -1.66 7.19
CA VAL B 84 -16.06 -1.95 5.77
C VAL B 84 -17.46 -2.50 5.56
N TYR B 85 -18.21 -1.87 4.65
CA TYR B 85 -19.62 -2.17 4.43
C TYR B 85 -19.79 -2.95 3.13
N LEU B 86 -20.69 -3.94 3.15
CA LEU B 86 -21.12 -4.64 1.95
C LEU B 86 -22.59 -4.34 1.71
N GLN B 87 -22.88 -3.50 0.73
CA GLN B 87 -24.25 -3.20 0.33
C GLN B 87 -24.65 -4.24 -0.72
N MET B 88 -25.57 -5.13 -0.34
CA MET B 88 -26.02 -6.25 -1.17
C MET B 88 -27.40 -5.95 -1.70
N ASN B 89 -27.53 -5.79 -3.01
CA ASN B 89 -28.81 -5.52 -3.66
C ASN B 89 -29.18 -6.67 -4.58
N ASP B 90 -30.42 -6.62 -5.08
CA ASP B 90 -31.01 -7.65 -5.91
C ASP B 90 -30.56 -9.05 -5.45
N LEU B 91 -30.90 -9.40 -4.21
CA LEU B 91 -30.43 -10.65 -3.61
C LEU B 91 -31.13 -11.85 -4.27
N LYS B 92 -30.34 -12.89 -4.57
CA LYS B 92 -30.88 -14.15 -5.08
C LYS B 92 -30.84 -15.21 -3.99
N PRO B 93 -31.62 -16.29 -4.14
CA PRO B 93 -31.56 -17.34 -3.10
C PRO B 93 -30.17 -17.93 -2.93
N GLU B 94 -29.38 -18.04 -4.00
CA GLU B 94 -28.04 -18.62 -3.92
C GLU B 94 -27.02 -17.69 -3.23
N ASP B 95 -27.37 -16.44 -2.98
CA ASP B 95 -26.51 -15.65 -2.09
C ASP B 95 -26.62 -16.09 -0.63
N THR B 96 -27.46 -17.07 -0.30
CA THR B 96 -27.54 -17.56 1.08
C THR B 96 -26.22 -18.23 1.45
N ALA B 97 -25.66 -17.83 2.58
CA ALA B 97 -24.38 -18.33 3.08
C ALA B 97 -24.08 -17.64 4.41
N MET B 98 -23.09 -18.19 5.11
CA MET B 98 -22.42 -17.45 6.18
C MET B 98 -21.39 -16.53 5.53
N TYR B 99 -21.47 -15.23 5.85
CA TYR B 99 -20.61 -14.20 5.26
C TYR B 99 -19.51 -13.83 6.24
N TYR B 100 -18.25 -13.85 5.77
CA TYR B 100 -17.10 -13.58 6.62
C TYR B 100 -16.35 -12.35 6.15
N CYS B 101 -15.84 -11.60 7.12
CA CYS B 101 -14.87 -10.55 6.93
C CYS B 101 -13.46 -11.13 7.07
N ALA B 102 -12.53 -10.57 6.32
CA ALA B 102 -11.18 -11.11 6.30
C ALA B 102 -10.20 -10.00 5.93
N ALA B 103 -9.04 -10.00 6.57
CA ALA B 103 -8.03 -8.99 6.30
C ALA B 103 -6.79 -9.65 5.74
N GLY B 104 -6.28 -9.10 4.64
CA GLY B 104 -5.05 -9.57 4.03
C GLY B 104 -4.00 -8.48 3.90
N ASN B 105 -2.74 -8.89 3.72
CA ASN B 105 -1.64 -7.94 3.68
C ASN B 105 -1.86 -6.89 2.60
N GLY B 106 -1.57 -5.62 2.95
CA GLY B 106 -1.79 -4.54 2.01
C GLY B 106 -0.96 -4.59 0.75
N ALA B 107 0.14 -5.34 0.78
CA ALA B 107 0.95 -5.53 -0.42
C ALA B 107 0.49 -6.70 -1.27
N LEU B 108 -0.65 -7.31 -0.96
CA LEU B 108 -1.09 -8.46 -1.71
C LEU B 108 -1.17 -8.09 -3.18
N PRO B 109 -0.78 -9.00 -4.07
CA PRO B 109 -0.73 -8.66 -5.48
C PRO B 109 -2.06 -8.96 -6.15
N PRO B 110 -2.31 -8.40 -7.34
CA PRO B 110 -3.57 -8.69 -8.03
C PRO B 110 -3.75 -10.18 -8.20
N GLY B 111 -4.92 -10.66 -7.80
CA GLY B 111 -5.22 -12.07 -7.91
C GLY B 111 -5.02 -12.87 -6.65
N ARG B 112 -4.34 -12.31 -5.65
CA ARG B 112 -4.36 -12.85 -4.29
C ARG B 112 -5.21 -12.02 -3.34
N ARG B 113 -5.61 -10.81 -3.75
CA ARG B 113 -6.30 -9.90 -2.82
C ARG B 113 -7.63 -10.47 -2.37
N LEU B 114 -8.28 -11.27 -3.20
CA LEU B 114 -9.59 -11.80 -2.88
C LEU B 114 -9.56 -13.32 -2.82
N SER B 115 -8.42 -13.90 -2.38
CA SER B 115 -8.33 -15.34 -2.23
C SER B 115 -8.26 -15.70 -0.75
N PRO B 116 -9.10 -16.64 -0.30
CA PRO B 116 -9.14 -16.94 1.13
C PRO B 116 -7.81 -17.41 1.70
N GLN B 117 -7.01 -18.10 0.87
CA GLN B 117 -5.78 -18.66 1.41
C GLN B 117 -4.80 -17.57 1.82
N ASN B 118 -4.91 -16.38 1.24
CA ASN B 118 -3.97 -15.30 1.53
C ASN B 118 -4.50 -14.36 2.61
N MET B 119 -5.63 -14.69 3.22
CA MET B 119 -6.18 -13.91 4.31
C MET B 119 -5.45 -14.25 5.60
N ASP B 120 -5.18 -13.24 6.42
CA ASP B 120 -4.52 -13.46 7.71
C ASP B 120 -5.49 -13.55 8.89
N THR B 121 -6.55 -12.77 8.86
CA THR B 121 -7.50 -12.71 9.96
C THR B 121 -8.90 -12.92 9.42
N TRP B 122 -9.71 -13.66 10.17
CA TRP B 122 -11.12 -13.92 9.85
C TRP B 122 -12.02 -13.48 10.99
N GLY B 123 -13.21 -13.02 10.64
CA GLY B 123 -14.23 -12.75 11.61
C GLY B 123 -15.05 -13.98 11.90
N PRO B 124 -15.95 -13.88 12.88
CA PRO B 124 -16.78 -15.06 13.23
C PRO B 124 -17.84 -15.40 12.20
N GLY B 125 -18.41 -14.41 11.53
CA GLY B 125 -19.42 -14.63 10.53
C GLY B 125 -20.77 -14.04 10.93
N THR B 126 -21.56 -13.65 9.92
CA THR B 126 -22.96 -13.24 10.08
C THR B 126 -23.76 -13.95 8.99
N GLN B 127 -24.87 -14.60 9.37
CA GLN B 127 -25.60 -15.42 8.42
C GLN B 127 -26.58 -14.58 7.59
N VAL B 128 -26.60 -14.84 6.28
CA VAL B 128 -27.55 -14.22 5.36
C VAL B 128 -28.39 -15.32 4.75
N THR B 129 -29.72 -15.21 4.89
CA THR B 129 -30.67 -16.16 4.32
C THR B 129 -31.66 -15.42 3.42
N VAL B 130 -31.76 -15.87 2.15
CA VAL B 130 -32.60 -15.21 1.14
C VAL B 130 -33.70 -16.18 0.68
N SER B 131 -34.97 -15.78 0.90
CA SER B 131 -36.12 -16.62 0.55
C SER B 131 -36.41 -16.57 -0.95
N SER B 132 -36.77 -17.72 -1.51
CA SER B 132 -37.39 -17.74 -2.83
C SER B 132 -38.79 -17.13 -2.76
N HIS B 133 -39.24 -16.57 -3.88
CA HIS B 133 -40.64 -16.17 -3.98
C HIS B 133 -41.56 -17.38 -3.87
N HIS B 134 -41.01 -18.54 -4.23
CA HIS B 134 -41.63 -19.84 -4.27
C HIS B 134 -41.72 -20.48 -2.88
N HIS B 135 -41.37 -19.73 -1.83
CA HIS B 135 -41.52 -20.13 -0.42
C HIS B 135 -42.77 -19.44 0.16
N HIS B 136 -43.93 -19.99 -0.16
CA HIS B 136 -45.20 -19.42 0.33
C HIS B 136 -45.39 -19.77 1.82
CU CU C . 14.27 10.21 2.86
ZN ZN D . 16.57 16.31 1.27
#